data_5ZEE
#
_entry.id   5ZEE
#
_cell.length_a   87.722
_cell.length_b   97.538
_cell.length_c   125.067
_cell.angle_alpha   90.00
_cell.angle_beta   90.00
_cell.angle_gamma   90.00
#
_symmetry.space_group_name_H-M   'I 21 21 21'
#
loop_
_entity.id
_entity.type
_entity.pdbx_description
1 polymer Arginase
2 non-polymer N-OMEGA-HYDROXY-L-ARGININE
3 non-polymer 'MANGANESE (II) ION'
4 non-polymer 1,2-ETHANEDIOL
5 water water
#
_entity_poly.entity_id   1
_entity_poly.type   'polypeptide(L)'
_entity_poly.pdbx_seq_one_letter_code
;HHHHHHSSGENLYFQSMQFEKVTYIAVPQKYGQKKVGVEEGPKFLEKLGFMNVLEQVAKSVNKKTITEPKTPQELGVTNA
RNLNEVESVNIELRDTIAKEYDVNNLLINIGGDHSIGLGTIAGVVKAMKPNARVGVVWFDAHPDMNTPENSPSGNIHGMP
LACAVGLGPQRLTSIMPHYITPKDIMYVGIRSIDVGEQFEIQDKHIDHFTAEDVKRVGMKEVIEAINKKFVDYDVIHLSF
DIDGIDPEFILGTGTPVPKGISLEDSLYFMSEMGKMKKLHSVDIVEYNPKIEEEITGKNVLKCISSLFGIKC
;
_entity_poly.pdbx_strand_id   A,B
#
# COMPACT_ATOMS: atom_id res chain seq x y z
N MET A 17 19.91 -10.20 0.57
CA MET A 17 19.82 -9.43 1.79
C MET A 17 18.56 -8.58 1.79
N GLN A 18 17.58 -9.09 1.06
CA GLN A 18 16.28 -8.46 0.91
C GLN A 18 15.38 -8.98 1.99
N PHE A 19 14.45 -8.16 2.47
CA PHE A 19 13.56 -8.59 3.53
C PHE A 19 12.36 -9.40 3.06
N GLU A 20 11.93 -10.30 3.90
CA GLU A 20 10.70 -11.03 3.64
C GLU A 20 9.52 -10.06 3.62
N LYS A 21 9.52 -9.10 4.55
CA LYS A 21 8.41 -8.17 4.59
C LYS A 21 8.81 -6.84 5.18
N VAL A 22 8.09 -5.80 4.83
CA VAL A 22 8.18 -4.54 5.52
C VAL A 22 6.83 -4.35 6.18
N THR A 23 6.84 -3.90 7.42
CA THR A 23 5.62 -3.48 8.09
C THR A 23 5.60 -1.95 8.01
N TYR A 24 4.51 -1.43 7.45
CA TYR A 24 4.35 0.00 7.20
C TYR A 24 3.14 0.44 8.03
N ILE A 25 3.38 1.29 9.02
CA ILE A 25 2.32 1.78 9.87
C ILE A 25 2.12 3.25 9.52
N ALA A 26 0.92 3.59 9.08
CA ALA A 26 0.57 4.95 8.78
C ALA A 26 -0.06 5.52 10.04
N VAL A 27 0.42 6.67 10.48
CA VAL A 27 0.01 7.29 11.73
C VAL A 27 -0.50 8.72 11.46
N PRO A 28 -1.80 8.85 11.16
CA PRO A 28 -2.35 10.13 10.77
C PRO A 28 -2.66 10.97 12.02
N GLN A 29 -1.60 11.51 12.60
CA GLN A 29 -1.65 12.29 13.82
C GLN A 29 -1.25 13.74 13.59
N LYS A 30 -2.18 14.63 13.92
CA LYS A 30 -1.90 16.08 13.95
C LYS A 30 -2.01 16.71 15.34
N TYR A 31 -2.53 15.97 16.33
CA TYR A 31 -2.95 16.60 17.59
C TYR A 31 -1.75 16.91 18.50
N GLY A 32 -0.51 16.52 18.12
CA GLY A 32 0.65 17.00 18.82
C GLY A 32 1.07 18.43 18.57
N GLN A 33 0.37 19.13 17.69
CA GLN A 33 0.68 20.48 17.30
C GLN A 33 -0.58 21.10 16.75
N LYS A 34 -0.51 22.30 16.18
CA LYS A 34 -1.74 23.04 15.82
C LYS A 34 -2.07 23.11 14.35
N LYS A 35 -1.11 22.84 13.48
CA LYS A 35 -1.34 23.02 12.04
C LYS A 35 -2.00 21.78 11.43
N VAL A 36 -3.00 22.01 10.61
CA VAL A 36 -3.68 20.96 9.88
CA VAL A 36 -3.65 20.91 9.92
C VAL A 36 -2.78 20.53 8.72
N GLY A 37 -2.77 19.23 8.43
CA GLY A 37 -2.13 18.70 7.24
C GLY A 37 -1.10 17.63 7.47
N VAL A 38 -0.46 17.64 8.64
CA VAL A 38 0.61 16.69 8.95
C VAL A 38 0.02 15.30 9.08
N GLU A 39 -1.27 15.21 9.35
CA GLU A 39 -1.94 13.88 9.36
C GLU A 39 -2.06 13.24 7.98
N GLU A 40 -1.91 14.03 6.91
CA GLU A 40 -1.96 13.53 5.54
C GLU A 40 -0.57 13.18 4.98
N GLY A 41 0.46 13.24 5.81
CA GLY A 41 1.79 12.79 5.42
C GLY A 41 1.83 11.44 4.72
N PRO A 42 1.25 10.40 5.35
CA PRO A 42 1.26 9.09 4.69
C PRO A 42 0.57 9.09 3.35
N LYS A 43 -0.62 9.67 3.29
CA LYS A 43 -1.37 9.67 2.07
C LYS A 43 -0.62 10.35 0.93
N PHE A 44 0.06 11.46 1.22
CA PHE A 44 0.82 12.18 0.16
C PHE A 44 2.13 11.49 -0.21
N LEU A 45 2.77 10.80 0.72
CA LEU A 45 3.95 9.97 0.36
C LEU A 45 3.52 8.80 -0.52
N GLU A 46 2.33 8.24 -0.26
CA GLU A 46 1.78 7.20 -1.16
C GLU A 46 1.55 7.76 -2.55
N LYS A 47 0.92 8.94 -2.64
CA LYS A 47 0.66 9.60 -3.89
C LYS A 47 1.95 9.80 -4.72
N LEU A 48 3.05 10.12 -4.05
CA LEU A 48 4.34 10.37 -4.68
C LEU A 48 5.15 9.11 -4.90
N GLY A 49 4.65 7.95 -4.51
CA GLY A 49 5.23 6.64 -4.91
C GLY A 49 5.91 5.85 -3.81
N PHE A 50 5.58 6.14 -2.56
CA PHE A 50 6.13 5.39 -1.41
C PHE A 50 5.96 3.87 -1.55
N MET A 51 4.80 3.40 -2.01
CA MET A 51 4.61 1.95 -2.14
C MET A 51 5.54 1.36 -3.20
N ASN A 52 5.87 2.14 -4.23
CA ASN A 52 6.77 1.64 -5.28
CA ASN A 52 6.79 1.66 -5.29
C ASN A 52 8.20 1.54 -4.75
N VAL A 53 8.56 2.45 -3.84
CA VAL A 53 9.85 2.38 -3.12
C VAL A 53 9.91 1.09 -2.29
N LEU A 54 8.85 0.81 -1.53
CA LEU A 54 8.81 -0.41 -0.71
C LEU A 54 8.85 -1.70 -1.54
N GLU A 55 8.32 -1.64 -2.75
CA GLU A 55 8.35 -2.76 -3.69
C GLU A 55 9.78 -3.18 -4.10
N GLN A 56 10.73 -2.26 -4.06
N GLN A 56 10.73 -2.26 -4.06
CA GLN A 56 12.11 -2.58 -4.41
CA GLN A 56 12.11 -2.56 -4.42
C GLN A 56 12.79 -3.31 -3.26
C GLN A 56 12.79 -3.30 -3.26
N VAL A 57 12.21 -3.24 -2.06
CA VAL A 57 12.82 -3.78 -0.85
C VAL A 57 12.17 -5.09 -0.34
N ALA A 58 10.88 -5.33 -0.62
CA ALA A 58 10.22 -6.58 -0.15
C ALA A 58 9.04 -6.86 -1.05
N LYS A 59 8.73 -8.12 -1.29
CA LYS A 59 7.51 -8.44 -2.04
C LYS A 59 6.25 -8.37 -1.19
N SER A 60 6.40 -8.38 0.14
N SER A 60 6.40 -8.38 0.14
CA SER A 60 5.26 -8.29 1.06
CA SER A 60 5.26 -8.29 1.05
C SER A 60 5.37 -7.02 1.85
C SER A 60 5.37 -7.01 1.86
N VAL A 61 4.31 -6.21 1.83
CA VAL A 61 4.21 -5.05 2.68
C VAL A 61 2.94 -5.23 3.49
N ASN A 62 3.06 -5.26 4.81
CA ASN A 62 1.93 -5.32 5.72
C ASN A 62 1.68 -3.89 6.20
N LYS A 63 0.62 -3.26 5.70
CA LYS A 63 0.32 -1.96 6.10
C LYS A 63 -0.71 -1.99 7.21
N LYS A 64 -0.48 -1.15 8.22
CA LYS A 64 -1.44 -0.94 9.30
C LYS A 64 -1.76 0.55 9.33
N THR A 65 -3.01 0.90 9.58
CA THR A 65 -3.37 2.31 9.75
C THR A 65 -3.83 2.51 11.17
N ILE A 66 -3.17 3.42 11.88
CA ILE A 66 -3.59 3.77 13.23
C ILE A 66 -4.84 4.68 13.10
N THR A 67 -5.85 4.47 13.92
CA THR A 67 -7.09 5.23 13.80
C THR A 67 -6.82 6.72 13.96
N GLU A 68 -7.32 7.53 13.03
CA GLU A 68 -7.23 8.98 13.14
C GLU A 68 -8.36 9.53 14.07
N PRO A 69 -8.01 10.23 15.17
CA PRO A 69 -9.07 10.93 15.92
C PRO A 69 -9.72 12.03 15.07
N LYS A 70 -10.99 12.30 15.29
CA LYS A 70 -11.76 13.30 14.52
C LYS A 70 -12.34 14.45 15.36
N THR A 71 -11.81 14.69 16.52
CA THR A 71 -12.35 15.69 17.42
C THR A 71 -11.84 17.09 17.04
N PRO A 72 -12.54 18.13 17.48
CA PRO A 72 -12.05 19.50 17.26
C PRO A 72 -10.70 19.72 17.97
N GLN A 73 -9.79 20.42 17.32
CA GLN A 73 -8.49 20.77 17.93
C GLN A 73 -8.72 21.74 19.09
N GLU A 74 -7.89 21.63 20.13
CA GLU A 74 -7.86 22.58 21.29
C GLU A 74 -6.83 23.64 20.87
N LEU A 75 -7.33 24.81 20.49
CA LEU A 75 -6.46 25.86 19.90
C LEU A 75 -6.14 27.04 20.84
N GLY A 76 -6.70 27.04 22.06
CA GLY A 76 -6.35 28.04 23.08
C GLY A 76 -4.99 27.83 23.76
N VAL A 77 -4.79 28.56 24.85
CA VAL A 77 -3.59 28.39 25.70
C VAL A 77 -3.86 27.17 26.62
N THR A 78 -2.93 26.24 26.63
CA THR A 78 -2.94 25.11 27.56
C THR A 78 -1.51 24.63 27.63
N ASN A 79 -1.18 23.91 28.70
CA ASN A 79 0.16 23.29 28.89
C ASN A 79 0.32 21.91 28.20
N ALA A 80 -0.78 21.31 27.77
CA ALA A 80 -0.74 19.97 27.16
C ALA A 80 -1.95 19.76 26.25
N ARG A 81 -1.86 20.32 25.06
CA ARG A 81 -2.94 20.31 24.08
C ARG A 81 -3.36 18.97 23.49
N ASN A 82 -4.66 18.70 23.56
CA ASN A 82 -5.25 17.50 22.99
C ASN A 82 -4.59 16.21 23.51
N LEU A 83 -4.36 16.20 24.81
CA LEU A 83 -3.81 15.05 25.49
C LEU A 83 -4.58 13.74 25.22
N ASN A 84 -5.92 13.76 25.20
CA ASN A 84 -6.69 12.54 24.88
C ASN A 84 -6.26 11.93 23.54
N GLU A 85 -6.07 12.77 22.52
CA GLU A 85 -5.81 12.29 21.15
C GLU A 85 -4.36 11.79 21.04
N VAL A 86 -3.43 12.43 21.75
CA VAL A 86 -2.04 11.96 21.72
C VAL A 86 -1.96 10.63 22.46
N GLU A 87 -2.70 10.52 23.56
CA GLU A 87 -2.69 9.31 24.37
C GLU A 87 -3.27 8.14 23.58
N SER A 88 -4.46 8.32 23.05
CA SER A 88 -5.13 7.26 22.32
C SER A 88 -4.31 6.76 21.10
N VAL A 89 -3.82 7.66 20.28
CA VAL A 89 -2.97 7.29 19.18
C VAL A 89 -1.70 6.56 19.64
N ASN A 90 -1.03 7.08 20.67
CA ASN A 90 0.22 6.46 21.11
C ASN A 90 0.04 5.08 21.72
N ILE A 91 -1.06 4.86 22.39
CA ILE A 91 -1.38 3.55 22.94
C ILE A 91 -1.65 2.54 21.80
N GLU A 92 -2.49 2.91 20.85
CA GLU A 92 -2.74 2.06 19.70
C GLU A 92 -1.42 1.76 18.90
N LEU A 93 -0.63 2.79 18.72
CA LEU A 93 0.64 2.67 18.04
C LEU A 93 1.61 1.74 18.76
N ARG A 94 1.78 1.95 20.07
CA ARG A 94 2.57 1.06 20.92
C ARG A 94 2.16 -0.40 20.79
N ASP A 95 0.87 -0.66 20.92
CA ASP A 95 0.38 -2.01 20.91
C ASP A 95 0.48 -2.68 19.52
N THR A 96 0.35 -1.89 18.44
CA THR A 96 0.49 -2.42 17.11
C THR A 96 1.98 -2.77 16.85
N ILE A 97 2.87 -1.89 17.22
CA ILE A 97 4.33 -2.13 17.11
C ILE A 97 4.75 -3.34 17.94
N ALA A 98 4.19 -3.47 19.15
CA ALA A 98 4.53 -4.59 20.01
C ALA A 98 4.27 -5.93 19.33
N LYS A 99 3.16 -6.00 18.60
CA LYS A 99 2.81 -7.19 17.82
C LYS A 99 3.62 -7.37 16.54
N GLU A 100 3.91 -6.31 15.81
CA GLU A 100 4.52 -6.44 14.47
C GLU A 100 6.05 -6.32 14.43
N TYR A 101 6.66 -5.74 15.46
CA TYR A 101 8.11 -5.58 15.52
C TYR A 101 8.83 -6.90 15.36
N ASP A 102 9.88 -6.93 14.56
CA ASP A 102 10.52 -8.21 14.21
C ASP A 102 11.96 -7.88 13.86
N VAL A 103 12.90 -8.50 14.56
CA VAL A 103 14.35 -8.26 14.35
C VAL A 103 14.90 -8.77 13.04
N ASN A 104 14.13 -9.57 12.29
CA ASN A 104 14.49 -10.02 10.95
C ASN A 104 13.82 -9.30 9.79
N ASN A 105 12.97 -8.35 10.10
CA ASN A 105 12.34 -7.54 9.07
C ASN A 105 12.38 -6.07 9.43
N LEU A 106 11.65 -5.23 8.74
CA LEU A 106 11.78 -3.83 8.91
C LEU A 106 10.42 -3.26 9.15
N LEU A 107 10.36 -2.38 10.12
CA LEU A 107 9.10 -1.63 10.47
C LEU A 107 9.32 -0.14 10.22
N ILE A 108 8.43 0.50 9.45
CA ILE A 108 8.52 1.92 9.16
C ILE A 108 7.21 2.59 9.55
N ASN A 109 7.31 3.59 10.42
CA ASN A 109 6.16 4.36 10.89
C ASN A 109 6.21 5.69 10.15
N ILE A 110 5.13 6.04 9.47
CA ILE A 110 5.09 7.33 8.76
C ILE A 110 4.07 8.20 9.49
N GLY A 111 4.53 9.35 9.98
CA GLY A 111 3.66 10.31 10.63
C GLY A 111 3.11 11.35 9.68
N GLY A 112 2.30 12.27 10.18
CA GLY A 112 2.07 12.51 11.58
C GLY A 112 3.14 13.30 12.24
N ASP A 113 2.74 14.02 13.27
CA ASP A 113 3.70 14.82 14.04
C ASP A 113 4.57 13.99 15.01
N HIS A 114 5.58 14.63 15.58
CA HIS A 114 6.56 13.88 16.39
C HIS A 114 6.07 13.44 17.75
N SER A 115 4.83 13.78 18.16
CA SER A 115 4.31 13.22 19.38
C SER A 115 4.21 11.71 19.27
N ILE A 116 4.09 11.20 18.04
CA ILE A 116 4.04 9.76 17.84
C ILE A 116 5.32 9.01 18.29
N GLY A 117 6.42 9.73 18.45
CA GLY A 117 7.72 9.13 18.87
C GLY A 117 7.61 8.48 20.24
N LEU A 118 6.69 8.97 21.11
CA LEU A 118 6.46 8.31 22.38
C LEU A 118 5.87 6.89 22.13
N GLY A 119 4.87 6.80 21.27
CA GLY A 119 4.28 5.51 20.88
C GLY A 119 5.26 4.57 20.21
N THR A 120 6.11 5.08 19.33
CA THR A 120 7.03 4.23 18.59
C THR A 120 8.06 3.66 19.50
N ILE A 121 8.63 4.49 20.37
CA ILE A 121 9.66 4.01 21.28
C ILE A 121 9.00 3.07 22.31
N ALA A 122 7.82 3.42 22.81
CA ALA A 122 7.11 2.53 23.75
C ALA A 122 6.87 1.18 23.13
N GLY A 123 6.50 1.16 21.83
CA GLY A 123 6.20 -0.06 21.16
C GLY A 123 7.43 -0.96 21.02
N VAL A 124 8.57 -0.36 20.68
CA VAL A 124 9.84 -1.13 20.61
C VAL A 124 10.18 -1.69 21.96
N VAL A 125 10.09 -0.87 22.99
CA VAL A 125 10.31 -1.35 24.36
C VAL A 125 9.35 -2.49 24.75
N LYS A 126 8.08 -2.37 24.40
CA LYS A 126 7.12 -3.41 24.72
C LYS A 126 7.38 -4.74 24.02
N ALA A 127 7.96 -4.65 22.80
CA ALA A 127 8.23 -5.82 21.98
C ALA A 127 9.41 -6.62 22.56
N MET A 128 10.27 -5.95 23.30
CA MET A 128 11.50 -6.59 23.84
C MET A 128 11.26 -7.02 25.29
N LYS A 129 12.08 -7.96 25.75
CA LYS A 129 12.15 -8.32 27.18
C LYS A 129 12.49 -7.11 28.06
N PRO A 130 12.07 -7.13 29.31
CA PRO A 130 12.29 -5.99 30.18
C PRO A 130 13.73 -5.57 30.37
N ASN A 131 14.65 -6.48 30.20
CA ASN A 131 16.05 -6.16 30.39
C ASN A 131 16.74 -5.72 29.12
N ALA A 132 16.00 -5.54 28.03
CA ALA A 132 16.63 -5.19 26.77
C ALA A 132 17.13 -3.77 26.76
N ARG A 133 18.19 -3.54 25.99
CA ARG A 133 18.76 -2.20 25.83
C ARG A 133 18.38 -1.67 24.44
N VAL A 134 17.56 -0.63 24.45
CA VAL A 134 17.04 -0.01 23.30
C VAL A 134 17.70 1.36 23.11
N GLY A 135 18.33 1.56 21.96
CA GLY A 135 19.00 2.83 21.63
C GLY A 135 18.11 3.67 20.75
N VAL A 136 18.18 4.98 20.89
CA VAL A 136 17.41 5.86 20.05
C VAL A 136 18.29 6.92 19.37
N VAL A 137 18.22 7.01 18.05
CA VAL A 137 18.84 8.09 17.29
C VAL A 137 17.71 8.99 16.89
N TRP A 138 17.83 10.25 17.25
CA TRP A 138 16.75 11.24 17.08
C TRP A 138 17.29 12.31 16.19
N PHE A 139 16.92 12.26 14.92
CA PHE A 139 17.36 13.23 13.92
C PHE A 139 16.29 14.30 13.83
N ASP A 140 16.67 15.54 14.12
CA ASP A 140 15.67 16.58 14.39
C ASP A 140 16.34 17.92 14.56
N ALA A 141 15.65 18.99 14.19
CA ALA A 141 16.05 20.35 14.66
C ALA A 141 15.84 20.58 16.18
N HIS A 142 14.94 19.78 16.79
CA HIS A 142 14.52 19.98 18.17
C HIS A 142 14.81 18.74 19.03
N PRO A 143 15.20 18.94 20.28
CA PRO A 143 15.37 17.80 21.18
C PRO A 143 14.08 17.13 21.67
N ASP A 144 12.95 17.84 21.60
CA ASP A 144 11.64 17.28 21.96
C ASP A 144 11.66 16.72 23.38
N MET A 145 12.29 17.46 24.28
CA MET A 145 12.41 17.10 25.69
C MET A 145 11.82 18.16 26.65
N ASN A 146 10.77 18.86 26.20
CA ASN A 146 10.08 19.80 27.05
C ASN A 146 9.02 19.04 27.85
N THR A 147 8.55 19.64 28.92
CA THR A 147 7.40 19.15 29.69
C THR A 147 6.28 20.18 29.67
N PRO A 148 5.10 19.79 30.16
CA PRO A 148 4.06 20.78 30.25
C PRO A 148 4.44 21.95 31.17
N GLU A 149 5.32 21.75 32.15
CA GLU A 149 5.72 22.84 33.01
C GLU A 149 6.60 23.87 32.30
N ASN A 150 7.42 23.46 31.35
CA ASN A 150 8.35 24.43 30.67
C ASN A 150 8.09 24.63 29.19
N SER A 151 7.04 24.01 28.64
CA SER A 151 6.81 24.08 27.18
C SER A 151 6.42 25.48 26.79
N PRO A 152 7.02 26.03 25.72
CA PRO A 152 6.54 27.36 25.30
C PRO A 152 5.23 27.35 24.55
N SER A 153 4.74 26.19 24.10
CA SER A 153 3.58 26.11 23.25
C SER A 153 2.44 25.23 23.78
N GLY A 154 2.70 24.30 24.70
CA GLY A 154 1.72 23.25 25.04
C GLY A 154 1.56 22.13 24.02
N ASN A 155 2.37 22.15 22.96
CA ASN A 155 2.29 21.19 21.86
C ASN A 155 3.10 19.93 22.25
N ILE A 156 2.42 18.79 22.31
CA ILE A 156 3.00 17.55 22.80
C ILE A 156 4.07 17.01 21.87
N HIS A 157 4.12 17.48 20.62
CA HIS A 157 5.18 17.03 19.73
C HIS A 157 6.56 17.51 20.17
N GLY A 158 6.59 18.41 21.13
CA GLY A 158 7.84 18.87 21.67
C GLY A 158 8.19 18.19 22.98
N MET A 159 7.44 17.16 23.34
CA MET A 159 7.64 16.45 24.60
C MET A 159 7.91 14.94 24.59
N PRO A 160 7.85 14.28 23.45
CA PRO A 160 7.95 12.82 23.51
C PRO A 160 9.18 12.21 24.14
N LEU A 161 10.36 12.78 23.96
CA LEU A 161 11.54 12.17 24.54
CA LEU A 161 11.53 12.17 24.55
C LEU A 161 11.59 12.43 26.05
N ALA A 162 11.01 13.55 26.51
CA ALA A 162 10.84 13.77 27.92
C ALA A 162 9.94 12.68 28.48
N CYS A 163 8.76 12.45 27.87
CA CYS A 163 7.86 11.41 28.34
C CYS A 163 8.57 10.03 28.34
N ALA A 164 9.39 9.75 27.31
CA ALA A 164 10.03 8.46 27.21
C ALA A 164 11.04 8.20 28.34
N VAL A 165 11.62 9.26 28.89
CA VAL A 165 12.55 9.13 30.02
C VAL A 165 11.84 9.32 31.33
N GLY A 166 10.52 9.48 31.32
CA GLY A 166 9.78 9.59 32.56
C GLY A 166 9.55 10.98 33.10
N LEU A 167 9.73 12.01 32.26
CA LEU A 167 9.49 13.41 32.66
C LEU A 167 8.27 13.84 31.91
N GLY A 168 7.16 14.01 32.61
CA GLY A 168 5.95 14.36 31.89
C GLY A 168 4.73 13.97 32.69
N PRO A 169 3.55 14.25 32.14
CA PRO A 169 2.32 13.85 32.78
C PRO A 169 2.16 12.34 32.81
N GLN A 170 1.57 11.86 33.89
CA GLN A 170 1.34 10.46 34.10
C GLN A 170 0.66 9.74 32.94
N ARG A 171 -0.33 10.40 32.34
CA ARG A 171 -1.08 9.81 31.23
C ARG A 171 -0.18 9.43 30.06
N LEU A 172 0.89 10.21 29.88
CA LEU A 172 1.83 9.96 28.80
C LEU A 172 3.02 9.11 29.21
N THR A 173 3.61 9.37 30.37
CA THR A 173 4.77 8.59 30.80
C THR A 173 4.37 7.14 31.06
N SER A 174 3.13 6.90 31.50
CA SER A 174 2.70 5.56 31.74
C SER A 174 2.51 4.70 30.44
N ILE A 175 2.55 5.32 29.28
CA ILE A 175 2.52 4.58 28.01
C ILE A 175 3.79 3.73 27.87
N MET A 176 4.89 4.18 28.47
CA MET A 176 6.11 3.38 28.41
C MET A 176 5.98 2.13 29.33
N PRO A 177 6.29 0.94 28.82
CA PRO A 177 6.36 -0.19 29.75
C PRO A 177 7.41 0.02 30.85
N HIS A 178 8.57 0.56 30.49
CA HIS A 178 9.46 1.17 31.45
C HIS A 178 10.20 2.27 30.71
N TYR A 179 10.86 3.16 31.43
CA TYR A 179 11.50 4.32 30.80
C TYR A 179 12.80 3.94 30.11
N ILE A 180 13.11 4.61 29.02
CA ILE A 180 14.52 4.65 28.56
C ILE A 180 15.21 5.72 29.40
N THR A 181 16.51 5.88 29.21
CA THR A 181 17.28 6.80 30.01
C THR A 181 17.98 7.78 29.09
N PRO A 182 18.39 8.95 29.62
CA PRO A 182 19.11 9.85 28.76
C PRO A 182 20.39 9.28 28.07
N LYS A 183 21.08 8.33 28.71
CA LYS A 183 22.22 7.68 28.06
C LYS A 183 21.86 6.87 26.80
N ASP A 184 20.57 6.59 26.57
CA ASP A 184 20.13 5.81 25.40
C ASP A 184 19.94 6.65 24.12
N ILE A 185 20.11 7.97 24.21
CA ILE A 185 19.72 8.88 23.15
C ILE A 185 20.93 9.46 22.46
N MET A 186 20.87 9.51 21.12
CA MET A 186 21.83 10.26 20.30
C MET A 186 21.04 11.24 19.46
N TYR A 187 21.25 12.52 19.70
CA TYR A 187 20.68 13.55 18.87
C TYR A 187 21.54 13.86 17.64
N VAL A 188 20.92 14.15 16.53
CA VAL A 188 21.59 14.55 15.32
C VAL A 188 20.83 15.68 14.63
N GLY A 189 21.47 16.83 14.50
CA GLY A 189 20.89 17.96 13.83
C GLY A 189 20.26 19.03 14.69
N ILE A 190 20.21 18.84 15.98
CA ILE A 190 19.55 19.78 16.84
C ILE A 190 20.14 21.17 16.80
N ARG A 191 19.26 22.16 16.80
CA ARG A 191 19.65 23.55 16.70
C ARG A 191 18.65 24.54 17.27
N SER A 192 17.46 24.10 17.62
CA SER A 192 16.50 24.97 18.25
C SER A 192 16.24 24.33 19.60
N ILE A 193 16.92 24.81 20.62
CA ILE A 193 16.90 24.25 21.94
C ILE A 193 16.37 25.15 23.03
N ASP A 194 15.38 24.71 23.79
CA ASP A 194 14.80 25.51 24.83
C ASP A 194 15.57 25.40 26.13
N VAL A 195 15.26 26.25 27.08
CA VAL A 195 15.96 26.28 28.33
C VAL A 195 16.00 24.94 29.05
N GLY A 196 14.86 24.31 29.21
CA GLY A 196 14.78 22.99 29.86
C GLY A 196 15.53 21.87 29.13
N GLU A 197 15.58 21.96 27.81
CA GLU A 197 16.23 20.97 27.00
C GLU A 197 17.75 21.10 27.10
N GLN A 198 18.24 22.33 27.07
CA GLN A 198 19.65 22.63 27.27
C GLN A 198 20.08 22.10 28.62
N PHE A 199 19.27 22.32 29.66
CA PHE A 199 19.58 21.81 30.98
C PHE A 199 19.71 20.26 30.96
N GLU A 200 18.72 19.56 30.44
CA GLU A 200 18.77 18.07 30.36
C GLU A 200 19.99 17.57 29.57
N ILE A 201 20.25 18.19 28.43
CA ILE A 201 21.36 17.77 27.60
C ILE A 201 22.69 17.91 28.32
N GLN A 202 22.93 19.04 28.96
CA GLN A 202 24.15 19.25 29.70
C GLN A 202 24.17 18.51 31.04
N ASP A 203 23.06 18.52 31.78
CA ASP A 203 23.02 17.88 33.12
C ASP A 203 23.13 16.35 33.01
N LYS A 204 22.50 15.75 32.01
CA LYS A 204 22.53 14.31 31.86
C LYS A 204 23.59 13.84 30.85
N HIS A 205 24.42 14.75 30.33
CA HIS A 205 25.44 14.43 29.34
C HIS A 205 24.90 13.64 28.14
N ILE A 206 23.83 14.14 27.54
CA ILE A 206 23.17 13.43 26.46
C ILE A 206 24.02 13.63 25.21
N ASP A 207 24.33 12.53 24.53
CA ASP A 207 25.17 12.56 23.34
C ASP A 207 24.43 13.26 22.21
N HIS A 208 25.15 14.15 21.51
CA HIS A 208 24.51 14.91 20.43
C HIS A 208 25.54 15.47 19.48
N PHE A 209 25.07 15.71 18.26
CA PHE A 209 25.70 16.57 17.28
C PHE A 209 24.65 17.58 16.84
N THR A 210 24.94 18.85 17.10
CA THR A 210 24.13 19.94 16.55
C THR A 210 24.37 19.97 15.04
N ALA A 211 23.59 20.75 14.32
CA ALA A 211 23.79 20.86 12.90
C ALA A 211 25.16 21.48 12.65
N GLU A 212 25.55 22.44 13.46
CA GLU A 212 26.86 23.06 13.32
C GLU A 212 27.97 22.03 13.55
N ASP A 213 27.78 21.16 14.53
CA ASP A 213 28.72 20.10 14.81
C ASP A 213 28.87 19.23 13.59
N VAL A 214 27.77 18.85 12.99
CA VAL A 214 27.79 17.99 11.79
C VAL A 214 28.58 18.67 10.67
N LYS A 215 28.33 19.96 10.46
CA LYS A 215 29.03 20.67 9.44
C LYS A 215 30.55 20.65 9.71
N ARG A 216 30.93 20.78 10.98
CA ARG A 216 32.33 20.84 11.37
C ARG A 216 33.02 19.49 11.25
N VAL A 217 32.39 18.42 11.73
CA VAL A 217 33.08 17.13 11.83
C VAL A 217 32.75 16.15 10.72
N GLY A 218 31.65 16.37 10.01
CA GLY A 218 31.20 15.48 8.93
C GLY A 218 30.31 14.36 9.42
N MET A 219 29.46 13.87 8.54
CA MET A 219 28.49 12.86 8.87
C MET A 219 29.17 11.50 9.03
N LYS A 220 30.32 11.29 8.43
CA LYS A 220 31.07 10.05 8.67
C LYS A 220 31.37 9.89 10.17
N GLU A 221 31.83 10.97 10.81
CA GLU A 221 32.12 10.92 12.24
C GLU A 221 30.84 10.68 13.06
N VAL A 222 29.74 11.25 12.61
CA VAL A 222 28.47 11.05 13.34
C VAL A 222 28.10 9.57 13.35
N ILE A 223 28.17 8.94 12.19
CA ILE A 223 27.88 7.51 12.04
C ILE A 223 28.83 6.65 12.90
N GLU A 224 30.13 6.99 12.92
CA GLU A 224 31.08 6.25 13.74
C GLU A 224 30.71 6.33 15.25
N ALA A 225 30.32 7.50 15.71
CA ALA A 225 29.90 7.74 17.07
C ALA A 225 28.65 6.95 17.39
N ILE A 226 27.70 6.87 16.47
CA ILE A 226 26.49 6.06 16.65
C ILE A 226 26.87 4.55 16.79
N ASN A 227 27.69 4.05 15.85
CA ASN A 227 28.17 2.67 15.91
C ASN A 227 28.85 2.33 17.25
N LYS A 228 29.72 3.22 17.70
CA LYS A 228 30.43 3.00 18.96
C LYS A 228 29.47 3.08 20.16
N LYS A 229 28.58 4.05 20.16
CA LYS A 229 27.68 4.21 21.30
C LYS A 229 26.79 2.97 21.54
N PHE A 230 26.27 2.37 20.46
CA PHE A 230 25.25 1.33 20.56
C PHE A 230 25.77 -0.12 20.42
N VAL A 231 27.10 -0.27 20.47
CA VAL A 231 27.73 -1.55 20.24
C VAL A 231 27.23 -2.61 21.22
N ASP A 232 26.94 -2.24 22.47
CA ASP A 232 26.45 -3.24 23.48
C ASP A 232 24.93 -3.19 23.64
N TYR A 233 24.21 -2.48 22.78
CA TYR A 233 22.75 -2.44 22.85
C TYR A 233 22.12 -3.58 22.05
N ASP A 234 20.86 -3.90 22.34
CA ASP A 234 20.20 -4.96 21.60
C ASP A 234 19.63 -4.51 20.27
N VAL A 235 18.93 -3.37 20.29
CA VAL A 235 18.39 -2.78 19.10
C VAL A 235 18.61 -1.27 19.09
N ILE A 236 18.49 -0.68 17.91
CA ILE A 236 18.49 0.75 17.71
C ILE A 236 17.20 1.12 17.00
N HIS A 237 16.60 2.25 17.39
CA HIS A 237 15.39 2.79 16.73
C HIS A 237 15.78 4.16 16.22
N LEU A 238 15.48 4.43 14.95
CA LEU A 238 15.72 5.77 14.37
C LEU A 238 14.41 6.56 14.30
N SER A 239 14.37 7.77 14.85
CA SER A 239 13.20 8.65 14.71
C SER A 239 13.65 9.88 13.92
N PHE A 240 13.18 9.98 12.69
CA PHE A 240 13.68 10.96 11.70
C PHE A 240 12.62 12.01 11.48
N ASP A 241 12.81 13.18 12.10
CA ASP A 241 12.04 14.36 11.87
C ASP A 241 12.64 15.10 10.69
N ILE A 242 11.84 15.24 9.65
CA ILE A 242 12.33 15.86 8.44
C ILE A 242 12.80 17.30 8.62
N ASP A 243 12.36 17.99 9.70
CA ASP A 243 12.85 19.36 9.94
C ASP A 243 14.31 19.43 10.45
N GLY A 244 14.88 18.28 10.72
CA GLY A 244 16.36 18.19 10.85
C GLY A 244 17.08 18.73 9.64
N ILE A 245 16.49 18.46 8.47
CA ILE A 245 17.05 18.85 7.20
C ILE A 245 16.89 20.37 7.00
N ASP A 246 17.89 20.99 6.39
CA ASP A 246 17.77 22.42 6.06
C ASP A 246 16.46 22.78 5.26
N PRO A 247 15.79 23.91 5.61
CA PRO A 247 14.57 24.34 4.90
C PRO A 247 14.68 24.66 3.42
N GLU A 248 15.87 24.84 2.88
CA GLU A 248 16.04 24.85 1.42
C GLU A 248 15.41 23.60 0.75
N PHE A 249 15.55 22.43 1.37
CA PHE A 249 15.08 21.15 0.83
C PHE A 249 13.75 20.66 1.38
N ILE A 250 13.41 21.09 2.58
CA ILE A 250 12.23 20.60 3.28
C ILE A 250 11.43 21.83 3.72
N LEU A 251 10.41 22.13 2.94
CA LEU A 251 9.56 23.26 3.17
C LEU A 251 8.26 22.85 3.86
N GLY A 252 7.73 21.68 3.54
CA GLY A 252 6.39 21.27 3.98
C GLY A 252 6.53 20.65 5.35
N THR A 253 6.69 21.50 6.35
CA THR A 253 6.88 21.02 7.73
C THR A 253 6.51 22.19 8.63
N GLY A 254 6.00 21.91 9.81
CA GLY A 254 5.37 22.95 10.63
C GLY A 254 6.30 23.87 11.37
N THR A 255 7.50 23.37 11.71
CA THR A 255 8.46 24.15 12.47
C THR A 255 9.85 24.09 11.81
N PRO A 256 10.00 24.76 10.66
CA PRO A 256 11.31 24.80 9.99
C PRO A 256 12.28 25.67 10.75
N VAL A 257 13.55 25.30 10.74
CA VAL A 257 14.55 26.06 11.47
C VAL A 257 15.76 26.18 10.54
N PRO A 258 16.24 27.39 10.30
CA PRO A 258 17.41 27.55 9.38
C PRO A 258 18.70 26.90 9.87
N LYS A 259 19.66 26.82 8.96
CA LYS A 259 21.01 26.26 9.20
C LYS A 259 20.97 24.82 9.66
N GLY A 260 20.23 24.04 8.87
CA GLY A 260 20.01 22.63 9.09
C GLY A 260 21.02 21.73 8.38
N ILE A 261 20.78 20.43 8.45
CA ILE A 261 21.61 19.43 7.76
C ILE A 261 21.32 19.47 6.26
N SER A 262 22.38 19.45 5.44
CA SER A 262 22.22 19.46 4.00
C SER A 262 21.50 18.16 3.56
N LEU A 263 20.85 18.22 2.40
CA LEU A 263 20.23 17.03 1.86
C LEU A 263 21.30 15.96 1.56
N GLU A 264 22.44 16.36 1.04
CA GLU A 264 23.51 15.42 0.78
C GLU A 264 23.91 14.66 2.04
N ASP A 265 24.11 15.39 3.13
CA ASP A 265 24.43 14.75 4.40
C ASP A 265 23.33 13.91 4.94
N SER A 266 22.08 14.34 4.73
CA SER A 266 20.96 13.55 5.22
C SER A 266 20.84 12.22 4.45
N LEU A 267 21.10 12.23 3.15
CA LEU A 267 21.04 11.00 2.36
C LEU A 267 22.15 10.02 2.77
N TYR A 268 23.34 10.56 3.00
CA TYR A 268 24.43 9.75 3.48
C TYR A 268 24.12 9.16 4.85
N PHE A 269 23.59 9.99 5.75
CA PHE A 269 23.17 9.55 7.07
C PHE A 269 22.18 8.38 6.97
N MET A 270 21.12 8.55 6.18
CA MET A 270 20.15 7.47 6.01
C MET A 270 20.79 6.21 5.42
N SER A 271 21.66 6.38 4.45
CA SER A 271 22.28 5.23 3.81
C SER A 271 23.07 4.41 4.85
N GLU A 272 23.83 5.13 5.68
CA GLU A 272 24.64 4.48 6.73
C GLU A 272 23.84 3.89 7.90
N MET A 273 22.80 4.58 8.32
CA MET A 273 21.86 4.00 9.29
C MET A 273 21.26 2.68 8.79
N GLY A 274 20.93 2.63 7.49
CA GLY A 274 20.32 1.46 6.88
C GLY A 274 21.17 0.21 6.88
N LYS A 275 22.48 0.39 6.94
CA LYS A 275 23.45 -0.69 7.05
C LYS A 275 23.66 -1.21 8.46
N MET A 276 23.06 -0.60 9.47
CA MET A 276 23.26 -1.04 10.85
C MET A 276 22.38 -2.24 11.16
N LYS A 277 23.00 -3.33 11.58
CA LYS A 277 22.23 -4.58 11.73
C LYS A 277 21.20 -4.50 12.87
N LYS A 278 21.41 -3.60 13.82
CA LYS A 278 20.54 -3.50 14.99
C LYS A 278 19.32 -2.63 14.75
N LEU A 279 19.27 -1.97 13.58
CA LEU A 279 18.18 -1.08 13.26
C LEU A 279 17.06 -1.88 12.65
N HIS A 280 15.90 -1.92 13.30
CA HIS A 280 14.76 -2.67 12.74
C HIS A 280 13.51 -1.85 12.67
N SER A 281 13.59 -0.57 13.02
CA SER A 281 12.42 0.28 13.01
C SER A 281 12.87 1.73 12.82
N VAL A 282 12.03 2.46 12.06
CA VAL A 282 12.32 3.84 11.68
CA VAL A 282 12.31 3.84 11.68
C VAL A 282 10.98 4.60 11.67
N ASP A 283 10.99 5.84 12.20
CA ASP A 283 9.86 6.76 12.11
C ASP A 283 10.26 7.87 11.09
N ILE A 284 9.33 8.25 10.25
CA ILE A 284 9.52 9.43 9.38
C ILE A 284 8.37 10.36 9.71
N VAL A 285 8.70 11.52 10.31
CA VAL A 285 7.68 12.40 10.85
C VAL A 285 7.78 13.84 10.37
N GLU A 286 6.64 14.52 10.51
CA GLU A 286 6.48 15.95 10.36
C GLU A 286 6.36 16.46 8.93
N TYR A 287 6.05 15.58 7.99
CA TYR A 287 5.75 15.99 6.61
C TYR A 287 4.33 16.56 6.60
N ASN A 288 4.21 17.84 6.30
CA ASN A 288 2.91 18.47 6.16
C ASN A 288 2.75 18.91 4.71
N PRO A 289 2.10 18.06 3.89
CA PRO A 289 1.95 18.39 2.47
C PRO A 289 1.06 19.57 2.18
N LYS A 290 0.23 19.99 3.13
CA LYS A 290 -0.58 21.20 2.95
C LYS A 290 0.26 22.43 3.09
N ILE A 291 1.43 22.37 3.71
CA ILE A 291 2.32 23.51 3.75
C ILE A 291 3.11 23.54 2.42
N GLU A 292 3.72 22.44 2.02
CA GLU A 292 4.30 22.31 0.67
CA GLU A 292 4.30 22.31 0.68
C GLU A 292 4.40 20.83 0.35
N GLU A 293 3.90 20.48 -0.83
CA GLU A 293 3.72 19.09 -1.19
C GLU A 293 4.90 18.44 -1.92
N GLU A 294 5.24 18.98 -3.07
CA GLU A 294 6.02 18.24 -4.06
C GLU A 294 7.52 18.20 -3.83
N ILE A 295 8.14 19.38 -3.68
CA ILE A 295 9.59 19.43 -3.41
C ILE A 295 9.90 18.67 -2.15
N THR A 296 9.11 18.94 -1.11
CA THR A 296 9.32 18.27 0.18
C THR A 296 9.10 16.74 0.11
N GLY A 297 7.96 16.32 -0.45
CA GLY A 297 7.62 14.91 -0.50
C GLY A 297 8.66 14.12 -1.29
N LYS A 298 9.10 14.67 -2.40
CA LYS A 298 10.12 14.03 -3.21
C LYS A 298 11.45 13.94 -2.49
N ASN A 299 11.85 14.98 -1.74
CA ASN A 299 13.06 14.87 -0.91
C ASN A 299 12.91 13.89 0.27
N VAL A 300 11.69 13.78 0.83
CA VAL A 300 11.44 12.79 1.88
C VAL A 300 11.60 11.38 1.31
N LEU A 301 11.06 11.15 0.12
CA LEU A 301 11.18 9.84 -0.53
C LEU A 301 12.62 9.53 -0.91
N LYS A 302 13.42 10.52 -1.28
CA LYS A 302 14.86 10.28 -1.41
C LYS A 302 15.54 9.78 -0.12
N CYS A 303 15.18 10.38 1.02
CA CYS A 303 15.75 9.98 2.30
C CYS A 303 15.37 8.53 2.62
N ILE A 304 14.10 8.19 2.39
CA ILE A 304 13.60 6.87 2.67
C ILE A 304 14.28 5.87 1.73
N SER A 305 14.36 6.23 0.45
CA SER A 305 15.05 5.39 -0.52
C SER A 305 16.49 5.13 -0.13
N SER A 306 17.18 6.17 0.33
CA SER A 306 18.58 6.00 0.73
C SER A 306 18.72 5.07 1.94
N LEU A 307 17.80 5.15 2.90
CA LEU A 307 17.78 4.25 4.05
C LEU A 307 17.81 2.77 3.57
N PHE A 308 17.01 2.50 2.55
CA PHE A 308 16.86 1.17 1.99
C PHE A 308 17.90 0.81 0.97
N GLY A 309 18.88 1.68 0.70
CA GLY A 309 19.90 1.39 -0.29
C GLY A 309 19.52 1.64 -1.76
N ILE A 310 18.38 2.28 -2.01
CA ILE A 310 17.88 2.50 -3.37
C ILE A 310 18.47 3.80 -3.91
N LYS A 311 18.18 4.93 -3.25
CA LYS A 311 18.71 6.30 -3.58
C LYS A 311 17.67 7.39 -3.27
N GLN B 15 -16.64 3.18 4.53
CA GLN B 15 -18.09 3.25 4.62
C GLN B 15 -18.73 2.07 3.95
N SER B 16 -19.72 1.48 4.58
CA SER B 16 -20.38 0.32 4.01
C SER B 16 -19.69 -1.01 4.26
N MET B 17 -18.49 -1.17 3.74
CA MET B 17 -17.74 -2.42 3.85
C MET B 17 -16.58 -2.31 4.80
N GLN B 18 -16.59 -3.07 5.90
CA GLN B 18 -15.42 -3.13 6.79
C GLN B 18 -14.92 -4.56 6.94
N PHE B 19 -13.65 -4.77 6.71
CA PHE B 19 -13.01 -6.05 6.86
C PHE B 19 -11.86 -5.96 7.86
N GLU B 20 -11.50 -7.09 8.47
CA GLU B 20 -10.26 -7.16 9.25
C GLU B 20 -9.06 -6.83 8.35
N LYS B 21 -9.07 -7.32 7.15
CA LYS B 21 -7.97 -7.06 6.22
C LYS B 21 -8.37 -7.10 4.78
N VAL B 22 -7.65 -6.38 3.95
CA VAL B 22 -7.75 -6.56 2.51
C VAL B 22 -6.40 -7.11 2.07
N THR B 23 -6.42 -8.11 1.20
CA THR B 23 -5.21 -8.53 0.53
C THR B 23 -5.18 -7.86 -0.84
N TYR B 24 -4.09 -7.14 -1.11
CA TYR B 24 -3.92 -6.43 -2.38
C TYR B 24 -2.73 -7.02 -3.12
N ILE B 25 -2.99 -7.63 -4.28
CA ILE B 25 -1.92 -8.21 -5.08
CA ILE B 25 -1.94 -8.24 -5.10
C ILE B 25 -1.75 -7.36 -6.32
N ALA B 26 -0.54 -6.79 -6.46
CA ALA B 26 -0.21 -6.02 -7.64
C ALA B 26 0.40 -6.97 -8.64
N VAL B 27 -0.10 -6.95 -9.88
CA VAL B 27 0.33 -7.90 -10.91
C VAL B 27 0.82 -7.12 -12.13
N PRO B 28 2.09 -6.76 -12.17
CA PRO B 28 2.62 -5.90 -13.22
C PRO B 28 2.92 -6.74 -14.47
N GLN B 29 1.85 -7.12 -15.15
CA GLN B 29 1.92 -8.01 -16.32
C GLN B 29 1.51 -7.28 -17.60
N LYS B 30 2.41 -7.23 -18.55
CA LYS B 30 2.13 -6.75 -19.94
C LYS B 30 2.25 -7.81 -21.03
N TYR B 31 2.73 -9.02 -20.69
CA TYR B 31 3.14 -9.97 -21.72
C TYR B 31 1.95 -10.69 -22.39
N GLY B 32 0.75 -10.50 -21.88
CA GLY B 32 -0.43 -10.99 -22.55
C GLY B 32 -0.86 -10.21 -23.77
N GLN B 33 -0.17 -9.12 -24.09
CA GLN B 33 -0.53 -8.26 -25.21
C GLN B 33 0.73 -7.52 -25.60
N LYS B 34 0.62 -6.57 -26.52
CA LYS B 34 1.80 -5.95 -27.13
C LYS B 34 2.14 -4.56 -26.71
N LYS B 35 1.22 -3.85 -26.09
CA LYS B 35 1.46 -2.45 -25.73
C LYS B 35 2.18 -2.33 -24.39
N VAL B 36 3.15 -1.45 -24.32
CA VAL B 36 3.82 -1.12 -23.08
C VAL B 36 2.92 -0.23 -22.23
N GLY B 37 2.93 -0.45 -20.92
CA GLY B 37 2.29 0.48 -19.98
C GLY B 37 1.27 -0.16 -19.04
N VAL B 38 0.65 -1.25 -19.46
CA VAL B 38 -0.39 -1.88 -18.66
C VAL B 38 0.22 -2.50 -17.42
N GLU B 39 1.54 -2.80 -17.45
CA GLU B 39 2.22 -3.25 -16.24
C GLU B 39 2.35 -2.19 -15.13
N GLU B 40 2.15 -0.93 -15.48
CA GLU B 40 2.19 0.18 -14.53
C GLU B 40 0.81 0.53 -13.96
N GLY B 41 -0.21 -0.21 -14.32
CA GLY B 41 -1.55 -0.04 -13.73
C GLY B 41 -1.56 0.13 -12.20
N PRO B 42 -0.99 -0.83 -11.47
CA PRO B 42 -0.99 -0.69 -10.02
C PRO B 42 -0.31 0.56 -9.53
N LYS B 43 0.89 0.82 -10.07
CA LYS B 43 1.64 1.97 -9.65
C LYS B 43 0.86 3.27 -9.83
N PHE B 44 0.16 3.41 -10.94
CA PHE B 44 -0.59 4.63 -11.20
C PHE B 44 -1.91 4.72 -10.41
N LEU B 45 -2.55 3.61 -10.12
CA LEU B 45 -3.71 3.63 -9.21
C LEU B 45 -3.26 4.00 -7.80
N GLU B 46 -2.06 3.58 -7.38
CA GLU B 46 -1.52 4.02 -6.10
C GLU B 46 -1.30 5.52 -6.09
N LYS B 47 -0.69 6.04 -7.17
CA LYS B 47 -0.45 7.47 -7.31
C LYS B 47 -1.75 8.28 -7.16
N LEU B 48 -2.85 7.75 -7.67
CA LEU B 48 -4.16 8.41 -7.66
C LEU B 48 -4.95 8.13 -6.39
N GLY B 49 -4.41 7.33 -5.46
CA GLY B 49 -4.97 7.21 -4.10
C GLY B 49 -5.62 5.86 -3.76
N PHE B 50 -5.26 4.81 -4.49
CA PHE B 50 -5.80 3.46 -4.25
C PHE B 50 -5.64 3.00 -2.79
N MET B 51 -4.49 3.26 -2.19
CA MET B 51 -4.28 2.83 -0.79
C MET B 51 -5.22 3.57 0.16
N ASN B 52 -5.57 4.82 -0.16
CA ASN B 52 -6.45 5.61 0.68
C ASN B 52 -7.87 5.09 0.56
N VAL B 53 -8.24 4.59 -0.62
CA VAL B 53 -9.53 3.91 -0.82
C VAL B 53 -9.61 2.65 0.07
N LEU B 54 -8.54 1.84 0.05
CA LEU B 54 -8.49 0.64 0.89
C LEU B 54 -8.55 0.96 2.39
N GLU B 55 -8.00 2.10 2.79
CA GLU B 55 -8.04 2.57 4.17
C GLU B 55 -9.48 2.78 4.70
N GLN B 56 -10.43 3.08 3.83
CA GLN B 56 -11.82 3.28 4.26
C GLN B 56 -12.47 1.92 4.58
N VAL B 57 -11.88 0.84 4.09
CA VAL B 57 -12.44 -0.50 4.17
C VAL B 57 -11.75 -1.42 5.22
N ALA B 58 -10.45 -1.22 5.47
CA ALA B 58 -9.77 -2.09 6.47
C ALA B 58 -8.58 -1.34 7.07
N LYS B 59 -8.30 -1.60 8.32
CA LYS B 59 -7.14 -1.05 8.95
C LYS B 59 -5.85 -1.80 8.58
N SER B 60 -5.97 -3.02 8.05
CA SER B 60 -4.81 -3.83 7.64
C SER B 60 -4.90 -4.10 6.17
N VAL B 61 -3.85 -3.79 5.41
CA VAL B 61 -3.78 -4.14 4.02
C VAL B 61 -2.50 -4.95 3.87
N ASN B 62 -2.63 -6.17 3.37
CA ASN B 62 -1.47 -7.03 3.10
C ASN B 62 -1.24 -6.96 1.59
N LYS B 63 -0.19 -6.24 1.20
CA LYS B 63 0.10 -6.10 -0.21
C LYS B 63 1.14 -7.12 -0.58
N LYS B 64 0.93 -7.75 -1.74
CA LYS B 64 1.93 -8.62 -2.36
C LYS B 64 2.18 -8.10 -3.77
N THR B 65 3.40 -8.19 -4.26
CA THR B 65 3.71 -7.84 -5.63
C THR B 65 4.22 -9.08 -6.35
N ILE B 66 3.55 -9.43 -7.44
CA ILE B 66 3.99 -10.56 -8.28
C ILE B 66 5.25 -10.10 -9.06
N THR B 67 6.23 -10.96 -9.20
CA THR B 67 7.44 -10.63 -9.97
C THR B 67 7.14 -10.15 -11.37
N GLU B 68 7.67 -8.99 -11.75
CA GLU B 68 7.54 -8.51 -13.13
C GLU B 68 8.65 -9.16 -14.00
N PRO B 69 8.30 -9.92 -15.07
CA PRO B 69 9.36 -10.32 -16.02
C PRO B 69 9.95 -9.11 -16.75
N LYS B 70 11.21 -9.16 -17.16
CA LYS B 70 11.85 -8.03 -17.87
C LYS B 70 12.36 -8.35 -19.30
N THR B 71 11.96 -9.47 -19.85
CA THR B 71 12.47 -9.94 -21.11
C THR B 71 11.87 -9.18 -22.31
N PRO B 72 12.52 -9.27 -23.48
CA PRO B 72 11.97 -8.61 -24.65
C PRO B 72 10.59 -9.17 -25.02
N GLN B 73 9.69 -8.30 -25.45
CA GLN B 73 8.40 -8.74 -26.01
C GLN B 73 8.63 -9.54 -27.31
N GLU B 74 7.85 -10.61 -27.52
CA GLU B 74 8.00 -11.51 -28.69
C GLU B 74 7.02 -10.94 -29.71
N LEU B 75 7.53 -10.22 -30.71
CA LEU B 75 6.67 -9.43 -31.61
C LEU B 75 6.53 -10.03 -33.03
N GLY B 76 7.13 -11.19 -33.29
CA GLY B 76 6.91 -11.93 -34.55
C GLY B 76 5.56 -12.64 -34.63
N VAL B 77 5.44 -13.53 -35.61
CA VAL B 77 4.28 -14.42 -35.76
C VAL B 77 4.48 -15.60 -34.78
N THR B 78 3.46 -15.81 -33.96
CA THR B 78 3.37 -16.99 -33.12
C THR B 78 1.89 -17.06 -32.74
N ASN B 79 1.44 -18.25 -32.35
CA ASN B 79 0.09 -18.49 -31.88
C ASN B 79 -0.15 -18.14 -30.37
N ALA B 80 0.93 -17.95 -29.61
CA ALA B 80 0.89 -17.78 -28.17
C ALA B 80 2.12 -17.03 -27.72
N ARG B 81 2.02 -15.72 -27.82
CA ARG B 81 3.14 -14.80 -27.61
C ARG B 81 3.55 -14.76 -26.11
N ASN B 82 4.86 -14.82 -25.88
CA ASN B 82 5.46 -14.70 -24.52
C ASN B 82 4.87 -15.68 -23.53
N LEU B 83 4.68 -16.91 -24.00
CA LEU B 83 4.16 -17.98 -23.17
C LEU B 83 4.95 -18.18 -21.85
N ASN B 84 6.29 -18.12 -21.90
CA ASN B 84 7.08 -18.24 -20.67
C ASN B 84 6.66 -17.20 -19.60
N GLU B 85 6.44 -15.96 -20.01
CA GLU B 85 6.16 -14.86 -19.08
C GLU B 85 4.73 -14.95 -18.53
N VAL B 86 3.80 -15.41 -19.37
CA VAL B 86 2.43 -15.56 -18.88
C VAL B 86 2.36 -16.73 -17.92
N GLU B 87 3.10 -17.80 -18.24
CA GLU B 87 3.16 -18.99 -17.38
C GLU B 87 3.71 -18.64 -16.01
N SER B 88 4.91 -18.04 -16.01
CA SER B 88 5.59 -17.68 -14.77
CA SER B 88 5.59 -17.71 -14.76
C SER B 88 4.75 -16.79 -13.85
N VAL B 89 4.23 -15.72 -14.38
CA VAL B 89 3.36 -14.82 -13.62
C VAL B 89 2.12 -15.57 -13.09
N ASN B 90 1.47 -16.36 -13.93
CA ASN B 90 0.21 -16.99 -13.51
C ASN B 90 0.41 -18.06 -12.42
N ILE B 91 1.55 -18.72 -12.46
CA ILE B 91 1.88 -19.70 -11.43
C ILE B 91 2.11 -19.00 -10.08
N GLU B 92 2.92 -17.95 -10.11
CA GLU B 92 3.18 -17.17 -8.91
C GLU B 92 1.87 -16.55 -8.34
N LEU B 93 1.05 -16.05 -9.24
CA LEU B 93 -0.22 -15.46 -8.87
C LEU B 93 -1.17 -16.45 -8.24
N ARG B 94 -1.33 -17.61 -8.89
CA ARG B 94 -2.10 -18.73 -8.35
C ARG B 94 -1.69 -19.09 -6.92
N ASP B 95 -0.41 -19.28 -6.70
CA ASP B 95 0.09 -19.73 -5.46
C ASP B 95 -0.02 -18.65 -4.35
N THR B 96 0.12 -17.40 -4.73
CA THR B 96 0.00 -16.30 -3.77
C THR B 96 -1.49 -16.19 -3.33
N ILE B 97 -2.40 -16.23 -4.30
CA ILE B 97 -3.84 -16.24 -3.98
C ILE B 97 -4.23 -17.46 -3.12
N ALA B 98 -3.68 -18.63 -3.44
CA ALA B 98 -4.01 -19.85 -2.72
C ALA B 98 -3.72 -19.69 -1.23
N LYS B 99 -2.61 -19.06 -0.89
CA LYS B 99 -2.27 -18.77 0.48
C LYS B 99 -3.11 -17.68 1.16
N GLU B 100 -3.42 -16.62 0.46
CA GLU B 100 -4.06 -15.43 1.09
C GLU B 100 -5.59 -15.38 0.98
N TYR B 101 -6.18 -16.16 0.07
CA TYR B 101 -7.63 -16.14 -0.14
C TYR B 101 -8.38 -16.44 1.15
N ASP B 102 -9.45 -15.70 1.44
CA ASP B 102 -10.09 -15.81 2.72
C ASP B 102 -11.55 -15.42 2.59
N VAL B 103 -12.45 -16.35 2.95
CA VAL B 103 -13.90 -16.09 2.82
C VAL B 103 -14.46 -15.06 3.76
N ASN B 104 -13.69 -14.63 4.76
CA ASN B 104 -14.11 -13.56 5.68
C ASN B 104 -13.46 -12.19 5.42
N ASN B 105 -12.62 -12.11 4.42
CA ASN B 105 -11.99 -10.84 4.05
C ASN B 105 -12.04 -10.65 2.53
N LEU B 106 -11.27 -9.71 1.99
CA LEU B 106 -11.39 -9.45 0.61
C LEU B 106 -10.01 -9.48 0.01
N LEU B 107 -9.93 -10.01 -1.20
CA LEU B 107 -8.66 -10.06 -1.99
C LEU B 107 -8.89 -9.30 -3.32
N ILE B 108 -7.98 -8.38 -3.66
CA ILE B 108 -8.13 -7.56 -4.87
CA ILE B 108 -8.12 -7.52 -4.87
C ILE B 108 -6.82 -7.65 -5.64
N ASN B 109 -6.91 -8.11 -6.91
CA ASN B 109 -5.75 -8.23 -7.78
C ASN B 109 -5.84 -7.07 -8.78
N ILE B 110 -4.81 -6.26 -8.89
CA ILE B 110 -4.76 -5.15 -9.83
C ILE B 110 -3.74 -5.49 -10.90
N GLY B 111 -4.20 -5.54 -12.15
CA GLY B 111 -3.37 -5.78 -13.28
C GLY B 111 -2.81 -4.50 -13.91
N GLY B 112 -2.02 -4.63 -14.98
CA GLY B 112 -1.78 -5.86 -15.67
C GLY B 112 -2.86 -6.20 -16.67
N ASP B 113 -2.46 -6.91 -17.72
CA ASP B 113 -3.42 -7.34 -18.74
C ASP B 113 -4.26 -8.55 -18.31
N HIS B 114 -5.28 -8.86 -19.10
CA HIS B 114 -6.24 -9.89 -18.67
C HIS B 114 -5.73 -11.32 -18.75
N SER B 115 -4.49 -11.57 -19.23
CA SER B 115 -3.96 -12.91 -19.17
C SER B 115 -3.83 -13.37 -17.70
N ILE B 116 -3.75 -12.40 -16.79
CA ILE B 116 -3.66 -12.73 -15.37
C ILE B 116 -4.95 -13.43 -14.83
N GLY B 117 -6.05 -13.33 -15.54
CA GLY B 117 -7.34 -13.94 -15.15
C GLY B 117 -7.24 -15.47 -15.03
N LEU B 118 -6.32 -16.08 -15.76
CA LEU B 118 -6.05 -17.49 -15.61
C LEU B 118 -5.46 -17.76 -14.21
N GLY B 119 -4.44 -16.97 -13.83
CA GLY B 119 -3.83 -17.11 -12.51
C GLY B 119 -4.80 -16.82 -11.38
N THR B 120 -5.65 -15.83 -11.54
CA THR B 120 -6.55 -15.43 -10.47
C THR B 120 -7.58 -16.52 -10.26
N ILE B 121 -8.18 -17.02 -11.32
CA ILE B 121 -9.19 -18.07 -11.19
C ILE B 121 -8.51 -19.35 -10.67
N ALA B 122 -7.34 -19.70 -11.18
CA ALA B 122 -6.62 -20.87 -10.68
C ALA B 122 -6.36 -20.77 -9.20
N GLY B 123 -5.99 -19.57 -8.75
CA GLY B 123 -5.68 -19.35 -7.34
C GLY B 123 -6.89 -19.54 -6.46
N VAL B 124 -8.04 -19.02 -6.89
CA VAL B 124 -9.30 -19.22 -6.15
C VAL B 124 -9.64 -20.69 -6.09
N VAL B 125 -9.52 -21.38 -7.23
CA VAL B 125 -9.74 -22.81 -7.25
C VAL B 125 -8.79 -23.58 -6.31
N LYS B 126 -7.51 -23.23 -6.31
CA LYS B 126 -6.54 -23.89 -5.47
C LYS B 126 -6.79 -23.68 -3.98
N ALA B 127 -7.31 -22.51 -3.65
CA ALA B 127 -7.59 -22.11 -2.25
C ALA B 127 -8.74 -22.87 -1.69
N MET B 128 -9.67 -23.26 -2.55
N MET B 128 -9.72 -23.23 -2.50
CA MET B 128 -10.87 -23.98 -2.13
CA MET B 128 -10.80 -24.01 -1.98
C MET B 128 -10.58 -25.48 -2.17
C MET B 128 -10.50 -25.50 -2.04
N LYS B 129 -11.43 -26.27 -1.52
CA LYS B 129 -11.43 -27.70 -1.68
C LYS B 129 -11.60 -28.10 -3.18
N PRO B 130 -11.05 -29.27 -3.57
CA PRO B 130 -11.19 -29.76 -4.94
C PRO B 130 -12.65 -29.92 -5.39
N ASN B 131 -13.57 -30.16 -4.46
CA ASN B 131 -15.01 -30.22 -4.80
C ASN B 131 -15.76 -28.88 -4.85
N ALA B 132 -15.08 -27.76 -4.74
CA ALA B 132 -15.79 -26.48 -4.64
C ALA B 132 -16.31 -26.05 -5.97
N ARG B 133 -17.41 -25.30 -5.94
CA ARG B 133 -17.94 -24.66 -7.13
C ARG B 133 -17.63 -23.18 -7.10
N VAL B 134 -16.82 -22.78 -8.07
CA VAL B 134 -16.38 -21.41 -8.22
C VAL B 134 -17.09 -20.80 -9.41
N GLY B 135 -17.80 -19.69 -9.15
CA GLY B 135 -18.51 -18.92 -10.19
C GLY B 135 -17.65 -17.77 -10.64
N VAL B 136 -17.72 -17.43 -11.91
CA VAL B 136 -16.96 -16.34 -12.42
C VAL B 136 -17.88 -15.33 -13.13
N VAL B 137 -17.81 -14.06 -12.74
CA VAL B 137 -18.44 -12.97 -13.48
C VAL B 137 -17.31 -12.27 -14.20
N TRP B 138 -17.43 -12.17 -15.51
CA TRP B 138 -16.38 -11.64 -16.37
C TRP B 138 -16.93 -10.40 -17.05
N PHE B 139 -16.55 -9.25 -16.55
CA PHE B 139 -17.04 -7.96 -17.08
C PHE B 139 -15.99 -7.46 -18.06
N ASP B 140 -16.39 -7.32 -19.31
CA ASP B 140 -15.38 -7.17 -20.37
C ASP B 140 -16.10 -6.83 -21.69
N ALA B 141 -15.42 -6.07 -22.54
CA ALA B 141 -15.84 -6.01 -23.95
C ALA B 141 -15.63 -7.34 -24.75
N HIS B 142 -14.71 -8.16 -24.27
CA HIS B 142 -14.27 -9.38 -24.94
C HIS B 142 -14.51 -10.64 -24.10
N PRO B 143 -14.88 -11.74 -24.73
CA PRO B 143 -15.04 -13.01 -23.98
C PRO B 143 -13.75 -13.67 -23.52
N ASP B 144 -12.61 -13.32 -24.14
CA ASP B 144 -11.31 -13.86 -23.77
C ASP B 144 -11.31 -15.40 -23.77
N MET B 145 -11.97 -15.99 -24.78
CA MET B 145 -12.05 -17.43 -24.94
C MET B 145 -11.49 -17.95 -26.27
N ASN B 146 -10.45 -17.30 -26.77
CA ASN B 146 -9.77 -17.76 -27.96
C ASN B 146 -8.75 -18.81 -27.53
N THR B 147 -8.31 -19.61 -28.50
CA THR B 147 -7.17 -20.50 -28.31
C THR B 147 -6.06 -20.04 -29.22
N PRO B 148 -4.86 -20.62 -29.03
CA PRO B 148 -3.81 -20.32 -29.97
C PRO B 148 -4.18 -20.64 -31.41
N GLU B 149 -5.01 -21.63 -31.63
CA GLU B 149 -5.32 -22.08 -32.98
C GLU B 149 -6.29 -21.09 -33.66
N ASN B 150 -7.19 -20.43 -32.90
CA ASN B 150 -8.15 -19.51 -33.53
C ASN B 150 -7.97 -18.04 -33.18
N SER B 151 -6.95 -17.71 -32.38
CA SER B 151 -6.70 -16.34 -31.98
C SER B 151 -6.28 -15.53 -33.20
N PRO B 152 -6.85 -14.32 -33.38
CA PRO B 152 -6.36 -13.49 -34.48
C PRO B 152 -5.01 -12.82 -34.23
N SER B 153 -4.54 -12.79 -33.01
CA SER B 153 -3.38 -11.98 -32.63
C SER B 153 -2.24 -12.80 -31.98
N GLY B 154 -2.52 -13.97 -31.42
CA GLY B 154 -1.53 -14.67 -30.57
C GLY B 154 -1.35 -14.06 -29.17
N ASN B 155 -2.15 -13.04 -28.82
CA ASN B 155 -2.06 -12.36 -27.51
C ASN B 155 -2.83 -13.17 -26.48
N ILE B 156 -2.12 -13.62 -25.44
CA ILE B 156 -2.69 -14.52 -24.47
C ILE B 156 -3.77 -13.86 -23.60
N HIS B 157 -3.84 -12.51 -23.59
CA HIS B 157 -4.89 -11.85 -22.84
C HIS B 157 -6.26 -12.10 -23.39
N GLY B 158 -6.33 -12.60 -24.65
CA GLY B 158 -7.57 -13.04 -25.24
C GLY B 158 -7.89 -14.51 -25.08
N MET B 159 -7.13 -15.22 -24.24
CA MET B 159 -7.28 -16.65 -24.01
C MET B 159 -7.56 -17.16 -22.60
N PRO B 160 -7.54 -16.30 -21.55
CA PRO B 160 -7.54 -16.93 -20.24
C PRO B 160 -8.76 -17.75 -19.86
N LEU B 161 -9.95 -17.37 -20.32
CA LEU B 161 -11.12 -18.14 -19.94
CA LEU B 161 -11.16 -18.14 -20.02
C LEU B 161 -11.15 -19.45 -20.71
N ALA B 162 -10.58 -19.48 -21.92
CA ALA B 162 -10.43 -20.72 -22.63
C ALA B 162 -9.49 -21.63 -21.82
N CYS B 163 -8.33 -21.13 -21.41
CA CYS B 163 -7.40 -21.91 -20.60
C CYS B 163 -8.06 -22.40 -19.32
N ALA B 164 -8.92 -21.57 -18.69
CA ALA B 164 -9.54 -21.95 -17.42
C ALA B 164 -10.51 -23.12 -17.57
N VAL B 165 -11.11 -23.26 -18.75
CA VAL B 165 -12.03 -24.38 -19.02
CA VAL B 165 -12.00 -24.40 -19.00
C VAL B 165 -11.29 -25.55 -19.68
N GLY B 166 -9.98 -25.43 -19.83
CA GLY B 166 -9.20 -26.51 -20.35
C GLY B 166 -8.97 -26.53 -21.83
N LEU B 167 -9.19 -25.41 -22.51
CA LEU B 167 -8.98 -25.30 -23.96
C LEU B 167 -7.81 -24.40 -24.12
N GLY B 168 -6.66 -24.93 -24.50
CA GLY B 168 -5.48 -24.07 -24.56
C GLY B 168 -4.25 -24.94 -24.49
N PRO B 169 -3.07 -24.31 -24.51
CA PRO B 169 -1.83 -25.06 -24.42
C PRO B 169 -1.67 -25.65 -23.03
N GLN B 170 -1.08 -26.84 -22.99
CA GLN B 170 -0.87 -27.55 -21.76
C GLN B 170 -0.19 -26.70 -20.66
N ARG B 171 0.78 -25.88 -21.04
CA ARG B 171 1.53 -25.10 -20.04
C ARG B 171 0.64 -24.09 -19.33
N LEU B 172 -0.44 -23.70 -19.96
CA LEU B 172 -1.38 -22.79 -19.33
C LEU B 172 -2.56 -23.52 -18.70
N THR B 173 -3.13 -24.52 -19.36
CA THR B 173 -4.26 -25.23 -18.80
C THR B 173 -3.85 -26.00 -17.55
N SER B 174 -2.64 -26.48 -17.49
CA SER B 174 -2.18 -27.20 -16.32
C SER B 174 -2.00 -26.33 -15.06
N ILE B 175 -2.03 -25.01 -15.21
CA ILE B 175 -2.01 -24.10 -14.05
C ILE B 175 -3.26 -24.29 -13.22
N MET B 176 -4.36 -24.70 -13.84
CA MET B 176 -5.59 -24.94 -13.09
C MET B 176 -5.45 -26.22 -12.28
N PRO B 177 -5.74 -26.17 -10.96
CA PRO B 177 -5.81 -27.43 -10.22
C PRO B 177 -6.88 -28.38 -10.81
N HIS B 178 -8.04 -27.84 -11.18
CA HIS B 178 -8.93 -28.52 -12.07
C HIS B 178 -9.66 -27.44 -12.86
N TYR B 179 -10.27 -27.82 -13.96
CA TYR B 179 -10.93 -26.82 -14.81
C TYR B 179 -12.23 -26.32 -14.23
N ILE B 180 -12.57 -25.08 -14.51
CA ILE B 180 -13.96 -24.64 -14.40
C ILE B 180 -14.64 -25.09 -15.69
N THR B 181 -15.93 -24.84 -15.79
N THR B 181 -15.96 -24.93 -15.76
CA THR B 181 -16.73 -25.31 -16.91
CA THR B 181 -16.72 -25.34 -16.94
C THR B 181 -17.43 -24.08 -17.51
C THR B 181 -17.42 -24.11 -17.50
N PRO B 182 -17.80 -24.15 -18.78
CA PRO B 182 -18.52 -22.99 -19.33
C PRO B 182 -19.83 -22.59 -18.58
N LYS B 183 -20.51 -23.54 -17.96
CA LYS B 183 -21.66 -23.22 -17.12
C LYS B 183 -21.34 -22.34 -15.88
N ASP B 184 -20.06 -22.21 -15.51
CA ASP B 184 -19.64 -21.39 -14.36
C ASP B 184 -19.46 -19.92 -14.63
N ILE B 185 -19.63 -19.50 -15.88
CA ILE B 185 -19.28 -18.17 -16.34
C ILE B 185 -20.53 -17.33 -16.61
N MET B 186 -20.50 -16.07 -16.18
CA MET B 186 -21.46 -15.04 -16.59
C MET B 186 -20.67 -13.90 -17.21
N TYR B 187 -20.89 -13.66 -18.50
CA TYR B 187 -20.32 -12.51 -19.16
C TYR B 187 -21.22 -11.26 -19.02
N VAL B 188 -20.61 -10.08 -18.83
CA VAL B 188 -21.35 -8.82 -18.79
C VAL B 188 -20.58 -7.81 -19.61
N GLY B 189 -21.25 -7.22 -20.62
CA GLY B 189 -20.69 -6.15 -21.41
C GLY B 189 -20.09 -6.57 -22.73
N ILE B 190 -20.00 -7.86 -22.98
CA ILE B 190 -19.34 -8.34 -24.19
C ILE B 190 -19.94 -7.80 -25.47
N ARG B 191 -19.07 -7.37 -26.36
CA ARG B 191 -19.49 -6.78 -27.61
C ARG B 191 -18.52 -6.92 -28.76
N SER B 192 -17.33 -7.42 -28.51
CA SER B 192 -16.35 -7.63 -29.54
C SER B 192 -15.99 -9.09 -29.44
N ILE B 193 -16.60 -9.90 -30.29
CA ILE B 193 -16.47 -11.33 -30.24
C ILE B 193 -15.89 -11.97 -31.48
N ASP B 194 -14.90 -12.83 -31.32
CA ASP B 194 -14.25 -13.53 -32.47
C ASP B 194 -15.02 -14.79 -32.82
N VAL B 195 -14.75 -15.32 -34.00
CA VAL B 195 -15.44 -16.51 -34.52
C VAL B 195 -15.41 -17.69 -33.51
N GLY B 196 -14.24 -17.99 -32.95
CA GLY B 196 -14.13 -19.09 -31.99
C GLY B 196 -14.89 -18.86 -30.66
N GLU B 197 -14.99 -17.60 -30.26
CA GLU B 197 -15.67 -17.26 -29.03
C GLU B 197 -17.20 -17.36 -29.21
N GLN B 198 -17.68 -16.89 -30.34
CA GLN B 198 -19.08 -17.01 -30.69
C GLN B 198 -19.47 -18.49 -30.71
N PHE B 199 -18.61 -19.33 -31.29
CA PHE B 199 -18.86 -20.77 -31.29
C PHE B 199 -19.03 -21.32 -29.84
N GLU B 200 -18.05 -21.05 -28.99
CA GLU B 200 -18.11 -21.53 -27.58
C GLU B 200 -19.35 -21.02 -26.83
N ILE B 201 -19.67 -19.73 -27.01
CA ILE B 201 -20.80 -19.14 -26.33
C ILE B 201 -22.10 -19.80 -26.72
N GLN B 202 -22.33 -19.98 -28.01
CA GLN B 202 -23.54 -20.62 -28.46
C GLN B 202 -23.51 -22.15 -28.24
N ASP B 203 -22.37 -22.80 -28.49
CA ASP B 203 -22.31 -24.26 -28.39
C ASP B 203 -22.42 -24.72 -26.91
N LYS B 204 -21.80 -23.98 -25.99
CA LYS B 204 -21.83 -24.36 -24.60
C LYS B 204 -22.91 -23.61 -23.82
N HIS B 205 -23.76 -22.83 -24.49
CA HIS B 205 -24.85 -22.06 -23.86
C HIS B 205 -24.36 -21.19 -22.69
N ILE B 206 -23.30 -20.42 -22.93
CA ILE B 206 -22.67 -19.67 -21.87
C ILE B 206 -23.54 -18.46 -21.55
N ASP B 207 -23.86 -18.26 -20.27
CA ASP B 207 -24.71 -17.14 -19.85
C ASP B 207 -23.99 -15.80 -20.11
N HIS B 208 -24.72 -14.85 -20.67
CA HIS B 208 -24.15 -13.55 -20.98
C HIS B 208 -25.22 -12.48 -21.12
N PHE B 209 -24.79 -11.25 -20.90
CA PHE B 209 -25.44 -10.03 -21.31
C PHE B 209 -24.40 -9.23 -22.11
N THR B 210 -24.71 -8.99 -23.39
CA THR B 210 -23.93 -8.09 -24.22
C THR B 210 -24.19 -6.69 -23.68
N ALA B 211 -23.39 -5.72 -24.10
CA ALA B 211 -23.67 -4.34 -23.73
C ALA B 211 -25.06 -3.90 -24.22
N GLU B 212 -25.44 -4.31 -25.42
CA GLU B 212 -26.80 -4.00 -25.91
C GLU B 212 -27.88 -4.65 -25.05
N ASP B 213 -27.64 -5.89 -24.61
CA ASP B 213 -28.54 -6.55 -23.68
C ASP B 213 -28.73 -5.72 -22.41
N VAL B 214 -27.62 -5.25 -21.85
CA VAL B 214 -27.63 -4.44 -20.65
C VAL B 214 -28.48 -3.17 -20.85
N LYS B 215 -28.27 -2.52 -21.98
CA LYS B 215 -29.00 -1.32 -22.27
C LYS B 215 -30.52 -1.64 -22.35
N ARG B 216 -30.86 -2.79 -22.90
CA ARG B 216 -32.25 -3.16 -23.10
C ARG B 216 -32.93 -3.57 -21.78
N VAL B 217 -32.27 -4.38 -20.97
CA VAL B 217 -32.94 -4.96 -19.80
C VAL B 217 -32.62 -4.26 -18.49
N GLY B 218 -31.52 -3.48 -18.45
CA GLY B 218 -31.12 -2.77 -17.24
C GLY B 218 -30.17 -3.63 -16.40
N MET B 219 -29.27 -2.97 -15.67
CA MET B 219 -28.29 -3.63 -14.87
C MET B 219 -28.97 -4.28 -13.64
N LYS B 220 -30.14 -3.79 -13.21
CA LYS B 220 -30.84 -4.49 -12.15
C LYS B 220 -31.12 -5.97 -12.52
N GLU B 221 -31.58 -6.19 -13.74
CA GLU B 221 -31.87 -7.55 -14.20
C GLU B 221 -30.58 -8.37 -14.31
N VAL B 222 -29.49 -7.73 -14.69
CA VAL B 222 -28.23 -8.45 -14.79
C VAL B 222 -27.83 -8.99 -13.42
N ILE B 223 -27.90 -8.13 -12.42
CA ILE B 223 -27.56 -8.49 -11.06
C ILE B 223 -28.47 -9.61 -10.54
N GLU B 224 -29.77 -9.53 -10.81
CA GLU B 224 -30.68 -10.59 -10.39
C GLU B 224 -30.32 -11.95 -11.00
N ALA B 225 -29.96 -11.97 -12.28
CA ALA B 225 -29.56 -13.16 -12.98
C ALA B 225 -28.26 -13.72 -12.38
N ILE B 226 -27.31 -12.85 -12.00
CA ILE B 226 -26.10 -13.27 -11.33
C ILE B 226 -26.43 -13.92 -9.96
N ASN B 227 -27.22 -13.24 -9.14
CA ASN B 227 -27.69 -13.79 -7.85
C ASN B 227 -28.35 -15.16 -7.98
N LYS B 228 -29.24 -15.29 -8.95
CA LYS B 228 -29.93 -16.56 -9.18
C LYS B 228 -28.96 -17.63 -9.67
N LYS B 229 -28.09 -17.30 -10.62
CA LYS B 229 -27.19 -18.29 -11.20
C LYS B 229 -26.26 -18.93 -10.13
N PHE B 230 -25.73 -18.11 -9.21
CA PHE B 230 -24.68 -18.54 -8.31
C PHE B 230 -25.16 -18.99 -6.93
N VAL B 231 -26.49 -19.05 -6.71
CA VAL B 231 -27.05 -19.66 -5.52
C VAL B 231 -26.44 -21.07 -5.28
N ASP B 232 -26.25 -21.86 -6.34
N ASP B 232 -26.27 -21.78 -6.38
CA ASP B 232 -25.73 -23.23 -6.22
CA ASP B 232 -25.72 -23.10 -6.47
C ASP B 232 -24.20 -23.29 -5.96
C ASP B 232 -24.21 -23.23 -6.25
N TYR B 233 -23.52 -22.14 -5.90
CA TYR B 233 -22.06 -22.11 -5.88
C TYR B 233 -21.49 -21.79 -4.54
N ASP B 234 -20.21 -22.07 -4.34
CA ASP B 234 -19.61 -21.78 -3.04
C ASP B 234 -19.11 -20.37 -2.95
N VAL B 235 -18.41 -19.93 -4.00
CA VAL B 235 -17.87 -18.59 -4.08
C VAL B 235 -18.08 -18.04 -5.49
N ILE B 236 -17.98 -16.72 -5.58
CA ILE B 236 -18.00 -15.99 -6.84
C ILE B 236 -16.67 -15.23 -6.92
N HIS B 237 -16.09 -15.16 -8.11
CA HIS B 237 -14.92 -14.33 -8.40
C HIS B 237 -15.32 -13.38 -9.49
N LEU B 238 -15.02 -12.10 -9.30
CA LEU B 238 -15.28 -11.08 -10.32
C LEU B 238 -14.01 -10.70 -11.01
N SER B 239 -13.99 -10.77 -12.35
CA SER B 239 -12.83 -10.31 -13.10
C SER B 239 -13.31 -9.13 -13.97
N PHE B 240 -12.86 -7.93 -13.63
CA PHE B 240 -13.35 -6.69 -14.18
C PHE B 240 -12.30 -6.10 -15.08
N ASP B 241 -12.52 -6.23 -16.40
CA ASP B 241 -11.76 -5.58 -17.41
C ASP B 241 -12.37 -4.22 -17.66
N ILE B 242 -11.59 -3.18 -17.43
CA ILE B 242 -12.09 -1.82 -17.56
C ILE B 242 -12.58 -1.48 -18.96
N ASP B 243 -12.16 -2.23 -20.00
CA ASP B 243 -12.67 -1.96 -21.34
C ASP B 243 -14.11 -2.43 -21.57
N GLY B 244 -14.67 -3.12 -20.59
CA GLY B 244 -16.14 -3.29 -20.54
C GLY B 244 -16.89 -1.97 -20.59
N ILE B 245 -16.30 -0.98 -19.93
CA ILE B 245 -16.89 0.35 -19.81
C ILE B 245 -16.75 1.09 -21.13
N ASP B 246 -17.77 1.85 -21.48
CA ASP B 246 -17.68 2.71 -22.67
C ASP B 246 -16.39 3.61 -22.73
N PRO B 247 -15.78 3.74 -23.91
CA PRO B 247 -14.54 4.55 -24.05
C PRO B 247 -14.66 6.04 -23.80
N GLU B 248 -15.86 6.60 -23.75
CA GLU B 248 -16.03 7.95 -23.24
C GLU B 248 -15.40 8.13 -21.84
N PHE B 249 -15.49 7.11 -20.98
CA PHE B 249 -15.03 7.16 -19.60
C PHE B 249 -13.66 6.46 -19.36
N ILE B 250 -13.33 5.51 -20.22
CA ILE B 250 -12.15 4.70 -20.05
C ILE B 250 -11.37 4.76 -21.35
N LEU B 251 -10.36 5.61 -21.36
CA LEU B 251 -9.54 5.83 -22.53
C LEU B 251 -8.23 5.05 -22.43
N GLY B 252 -7.68 4.93 -21.22
CA GLY B 252 -6.34 4.38 -21.01
C GLY B 252 -6.42 2.89 -20.95
N THR B 253 -6.60 2.26 -22.12
CA THR B 253 -6.74 0.80 -22.18
C THR B 253 -6.37 0.42 -23.63
N GLY B 254 -5.84 -0.77 -23.83
CA GLY B 254 -5.25 -1.14 -25.08
C GLY B 254 -6.19 -1.47 -26.22
N THR B 255 -7.38 -1.98 -25.87
CA THR B 255 -8.35 -2.42 -26.88
C THR B 255 -9.74 -1.84 -26.57
N PRO B 256 -9.91 -0.52 -26.75
CA PRO B 256 -11.22 0.10 -26.48
C PRO B 256 -12.23 -0.26 -27.52
N VAL B 257 -13.49 -0.42 -27.13
CA VAL B 257 -14.51 -0.83 -28.06
C VAL B 257 -15.72 0.04 -27.81
N PRO B 258 -16.24 0.72 -28.84
CA PRO B 258 -17.40 1.60 -28.63
C PRO B 258 -18.68 0.87 -28.20
N LYS B 259 -19.66 1.64 -27.77
CA LYS B 259 -20.97 1.17 -27.37
C LYS B 259 -20.91 0.22 -26.20
N GLY B 260 -20.18 0.69 -25.19
CA GLY B 260 -19.91 -0.05 -23.96
C GLY B 260 -20.89 0.24 -22.86
N ILE B 261 -20.62 -0.32 -21.68
CA ILE B 261 -21.48 -0.06 -20.50
C ILE B 261 -21.21 1.37 -20.00
N SER B 262 -22.28 2.11 -19.69
CA SER B 262 -22.13 3.47 -19.18
C SER B 262 -21.40 3.42 -17.81
N LEU B 263 -20.77 4.52 -17.44
CA LEU B 263 -20.15 4.60 -16.14
C LEU B 263 -21.19 4.44 -15.04
N GLU B 264 -22.35 5.08 -15.21
CA GLU B 264 -23.41 4.97 -14.22
C GLU B 264 -23.79 3.49 -13.98
N ASP B 265 -23.99 2.74 -15.05
CA ASP B 265 -24.30 1.33 -14.94
C ASP B 265 -23.17 0.53 -14.40
N SER B 266 -21.93 0.90 -14.73
CA SER B 266 -20.78 0.18 -14.18
C SER B 266 -20.65 0.40 -12.68
N LEU B 267 -20.92 1.61 -12.20
CA LEU B 267 -20.85 1.88 -10.76
C LEU B 267 -21.97 1.14 -10.01
N TYR B 268 -23.16 1.12 -10.57
CA TYR B 268 -24.24 0.35 -10.01
C TYR B 268 -23.90 -1.14 -9.96
N PHE B 269 -23.37 -1.67 -11.07
CA PHE B 269 -22.91 -3.04 -11.14
C PHE B 269 -21.93 -3.35 -10.00
N MET B 270 -20.87 -2.55 -9.87
CA MET B 270 -19.88 -2.77 -8.81
C MET B 270 -20.53 -2.67 -7.43
N SER B 271 -21.43 -1.73 -7.23
CA SER B 271 -22.06 -1.56 -5.93
C SER B 271 -22.80 -2.83 -5.56
N GLU B 272 -23.57 -3.36 -6.52
CA GLU B 272 -24.35 -4.59 -6.32
C GLU B 272 -23.50 -5.88 -6.19
N MET B 273 -22.44 -5.99 -6.99
CA MET B 273 -21.48 -7.09 -6.82
C MET B 273 -20.89 -7.10 -5.40
N GLY B 274 -20.58 -5.91 -4.88
CA GLY B 274 -20.00 -5.79 -3.57
C GLY B 274 -20.88 -6.21 -2.40
N LYS B 275 -22.19 -6.21 -2.59
CA LYS B 275 -23.15 -6.73 -1.64
C LYS B 275 -23.30 -8.26 -1.65
N MET B 276 -22.69 -8.94 -2.61
CA MET B 276 -22.86 -10.41 -2.70
C MET B 276 -21.97 -11.11 -1.68
N LYS B 277 -22.57 -11.91 -0.84
CA LYS B 277 -21.83 -12.48 0.29
C LYS B 277 -20.77 -13.48 -0.17
N LYS B 278 -20.93 -14.05 -1.35
CA LYS B 278 -20.06 -15.10 -1.87
C LYS B 278 -18.86 -14.51 -2.60
N LEU B 279 -18.82 -13.19 -2.78
CA LEU B 279 -17.74 -12.53 -3.52
C LEU B 279 -16.63 -12.25 -2.55
N HIS B 280 -15.46 -12.87 -2.73
CA HIS B 280 -14.33 -12.61 -1.86
C HIS B 280 -13.08 -12.23 -2.60
N SER B 281 -13.18 -12.10 -3.92
CA SER B 281 -11.99 -11.79 -4.72
C SER B 281 -12.45 -11.06 -5.99
N VAL B 282 -11.64 -10.08 -6.39
CA VAL B 282 -11.90 -9.22 -7.53
CA VAL B 282 -11.90 -9.26 -7.57
C VAL B 282 -10.58 -8.93 -8.26
N ASP B 283 -10.61 -8.95 -9.59
CA ASP B 283 -9.49 -8.51 -10.43
C ASP B 283 -9.93 -7.18 -11.07
N ILE B 284 -8.99 -6.25 -11.18
CA ILE B 284 -9.21 -5.01 -11.94
C ILE B 284 -8.06 -4.97 -12.94
N VAL B 285 -8.40 -5.12 -14.23
CA VAL B 285 -7.37 -5.31 -15.24
C VAL B 285 -7.50 -4.32 -16.41
N GLU B 286 -6.39 -4.18 -17.13
CA GLU B 286 -6.26 -3.52 -18.40
C GLU B 286 -6.15 -2.01 -18.34
N TYR B 287 -5.83 -1.44 -17.17
CA TYR B 287 -5.52 -0.01 -17.06
C TYR B 287 -4.14 0.25 -17.61
N ASN B 288 -4.04 0.99 -18.71
CA ASN B 288 -2.73 1.35 -19.29
C ASN B 288 -2.58 2.86 -19.17
N PRO B 289 -1.94 3.32 -18.09
CA PRO B 289 -1.82 4.76 -17.87
C PRO B 289 -0.96 5.49 -18.88
N LYS B 290 -0.11 4.77 -19.62
CA LYS B 290 0.67 5.38 -20.68
C LYS B 290 -0.20 5.73 -21.87
N ILE B 291 -1.37 5.10 -22.02
CA ILE B 291 -2.29 5.48 -23.07
C ILE B 291 -3.10 6.71 -22.62
N GLU B 292 -3.69 6.66 -21.44
CA GLU B 292 -4.29 7.85 -20.81
C GLU B 292 -4.35 7.61 -19.32
N GLU B 293 -3.88 8.59 -18.57
CA GLU B 293 -3.66 8.40 -17.14
C GLU B 293 -4.83 8.85 -16.28
N GLU B 294 -5.18 10.12 -16.37
CA GLU B 294 -5.95 10.74 -15.29
C GLU B 294 -7.45 10.48 -15.32
N ILE B 295 -8.10 10.75 -16.45
CA ILE B 295 -9.56 10.49 -16.59
C ILE B 295 -9.85 9.05 -16.31
N THR B 296 -9.06 8.19 -16.95
CA THR B 296 -9.21 6.75 -16.78
C THR B 296 -8.97 6.27 -15.35
N GLY B 297 -7.82 6.66 -14.77
CA GLY B 297 -7.45 6.21 -13.45
C GLY B 297 -8.50 6.63 -12.41
N LYS B 298 -8.96 7.87 -12.52
CA LYS B 298 -9.97 8.35 -11.61
C LYS B 298 -11.31 7.62 -11.75
N ASN B 299 -11.72 7.29 -12.98
CA ASN B 299 -12.91 6.45 -13.17
C ASN B 299 -12.71 4.99 -12.71
N VAL B 300 -11.48 4.47 -12.81
CA VAL B 300 -11.20 3.12 -12.30
C VAL B 300 -11.35 3.13 -10.78
N LEU B 301 -10.82 4.16 -10.13
CA LEU B 301 -10.95 4.30 -8.67
C LEU B 301 -12.38 4.49 -8.24
N LYS B 302 -13.20 5.16 -9.03
CA LYS B 302 -14.64 5.20 -8.74
C LYS B 302 -15.31 3.81 -8.75
N CYS B 303 -14.94 2.97 -9.72
CA CYS B 303 -15.49 1.64 -9.82
C CYS B 303 -15.11 0.81 -8.58
N ILE B 304 -13.85 0.91 -8.19
CA ILE B 304 -13.35 0.19 -7.03
C ILE B 304 -14.05 0.72 -5.78
N SER B 305 -14.16 2.04 -5.65
CA SER B 305 -14.86 2.64 -4.53
C SER B 305 -16.31 2.17 -4.44
N SER B 306 -16.99 2.11 -5.58
N SER B 306 -17.01 2.10 -5.57
CA SER B 306 -18.37 1.66 -5.59
CA SER B 306 -18.39 1.64 -5.59
C SER B 306 -18.51 0.19 -5.15
C SER B 306 -18.51 0.18 -5.13
N LEU B 307 -17.57 -0.66 -5.55
CA LEU B 307 -17.54 -2.06 -5.11
C LEU B 307 -17.56 -2.15 -3.57
N PHE B 308 -16.79 -1.26 -2.95
CA PHE B 308 -16.70 -1.19 -1.48
C PHE B 308 -17.80 -0.42 -0.81
N GLY B 309 -18.79 0.10 -1.56
CA GLY B 309 -19.85 0.89 -0.98
C GLY B 309 -19.57 2.37 -0.78
N ILE B 310 -18.43 2.87 -1.22
CA ILE B 310 -18.05 4.28 -1.05
C ILE B 310 -18.52 5.05 -2.32
N LYS B 311 -19.20 6.20 -2.20
CA LYS B 311 -19.61 6.95 -3.44
C LYS B 311 -18.76 8.16 -3.84
#